data_2QLQ
#
_entry.id   2QLQ
#
_cell.length_a   41.940
_cell.length_b   63.530
_cell.length_c   74.500
_cell.angle_alpha   78.28
_cell.angle_beta   90.37
_cell.angle_gamma   89.45
#
_symmetry.space_group_name_H-M   'P 1'
#
loop_
_entity.id
_entity.type
_entity.pdbx_description
1 polymer 'Proto-oncogene tyrosine-protein kinase Src'
2 non-polymer (2E)-N-{4-[(3-bromophenyl)amino]quinazolin-6-yl}-4-(dimethylamino)but-2-enamide
3 water water
#
_entity_poly.entity_id   1
_entity_poly.type   'polypeptide(L)'
_entity_poly.pdbx_seq_one_letter_code
;GHMQTQGLAKDAWEIPRESLRLEVKLGQGCFGEVWMGTWNGTTRVAIKTLKPGTMSPEAFLQEAQVMKKLRHEKLVQLYA
VVSEEPIYIVTEYMSKGCLLDFLKGEMGKYLRLPQLVDMAAQIASGMAYVERMNYVHRDLRAANILVGENLVCKVADFGL
ARLIEDNEYTARQGAKFPIKWTAPEAALYGRFTIKSDVWSFGILLTELTTKGRVPYPGMVNREVLDQVERGYRMPCPPEC
PESLHDLMCQCWRKDPEERPTFEYLQAFLEDYFTSTEPQYQPGENL
;
_entity_poly.pdbx_strand_id   A,B
#
loop_
_chem_comp.id
_chem_comp.type
_chem_comp.name
_chem_comp.formula
SR2 non-polymer (2E)-N-{4-[(3-bromophenyl)amino]quinazolin-6-yl}-4-(dimethylamino)but-2-enamide 'C20 H20 Br N5 O'
#
# COMPACT_ATOMS: atom_id res chain seq x y z
N ALA A 9 18.64 5.44 41.39
CA ALA A 9 19.15 4.10 41.83
C ALA A 9 18.49 2.92 41.10
N LYS A 10 19.31 2.20 40.35
CA LYS A 10 18.90 1.11 39.46
C LYS A 10 18.23 -0.09 40.13
N ASP A 11 17.75 -1.03 39.28
CA ASP A 11 17.30 -2.33 39.73
C ASP A 11 18.09 -3.41 38.98
N ALA A 12 17.73 -4.69 39.17
CA ALA A 12 18.47 -5.78 38.58
C ALA A 12 18.24 -5.99 37.07
N TRP A 13 17.30 -5.23 36.49
CA TRP A 13 17.06 -5.24 35.04
C TRP A 13 18.14 -4.40 34.34
N GLU A 14 18.82 -3.56 35.12
CA GLU A 14 19.78 -2.57 34.65
C GLU A 14 21.07 -3.18 34.14
N ILE A 15 21.66 -2.53 33.12
CA ILE A 15 22.95 -2.94 32.58
C ILE A 15 23.84 -1.71 32.25
N PRO A 16 25.16 -1.96 32.09
CA PRO A 16 25.98 -0.91 31.48
C PRO A 16 25.82 -0.96 29.95
N ARG A 17 25.71 0.21 29.33
CA ARG A 17 25.56 0.31 27.88
C ARG A 17 26.78 -0.23 27.14
N GLU A 18 27.88 -0.38 27.87
CA GLU A 18 29.09 -1.01 27.35
C GLU A 18 28.85 -2.48 27.00
N SER A 19 27.81 -3.09 27.61
CA SER A 19 27.46 -4.48 27.33
C SER A 19 26.71 -4.66 25.99
N LEU A 20 26.29 -3.53 25.40
CA LEU A 20 25.52 -3.51 24.16
C LEU A 20 26.34 -3.14 22.92
N ARG A 21 26.36 -4.05 21.93
CA ARG A 21 26.94 -3.76 20.61
C ARG A 21 25.86 -3.63 19.52
N LEU A 22 25.30 -2.41 19.37
CA LEU A 22 24.35 -2.08 18.29
C LEU A 22 24.93 -2.36 16.89
N GLU A 23 24.08 -2.82 15.96
CA GLU A 23 24.52 -3.17 14.60
C GLU A 23 23.74 -2.56 13.42
N VAL A 24 22.45 -2.86 13.36
CA VAL A 24 21.55 -2.49 12.25
C VAL A 24 20.34 -1.71 12.80
N LYS A 25 19.83 -0.75 12.04
CA LYS A 25 18.57 -0.05 12.38
C LYS A 25 17.35 -0.79 11.80
N LEU A 26 16.17 -0.57 12.39
CA LEU A 26 14.99 -1.34 12.04
C LEU A 26 13.67 -0.73 11.58
N GLY A 27 13.31 0.50 11.90
CA GLY A 27 13.99 1.43 12.81
C GLY A 27 13.04 2.56 13.19
N GLN A 28 13.56 3.80 13.22
CA GLN A 28 12.81 5.00 13.64
C GLN A 28 11.51 5.22 12.86
N GLY A 29 10.39 5.54 13.54
CA GLY A 29 10.32 5.75 14.99
C GLY A 29 10.00 7.18 15.46
N CYS A 30 8.76 7.39 15.93
CA CYS A 30 8.30 8.70 16.45
C CYS A 30 9.06 9.19 17.69
N PHE A 31 9.07 8.36 18.73
CA PHE A 31 9.79 8.65 19.98
C PHE A 31 11.26 8.20 19.91
N GLY A 32 11.55 7.23 19.05
CA GLY A 32 12.92 6.78 18.83
C GLY A 32 13.08 5.53 17.99
N GLU A 33 14.35 5.20 17.72
CA GLU A 33 14.74 4.10 16.85
C GLU A 33 14.53 2.71 17.45
N VAL A 34 14.75 1.69 16.62
CA VAL A 34 14.84 0.30 17.05
C VAL A 34 16.01 -0.32 16.28
N TRP A 35 16.94 -0.92 17.00
CA TRP A 35 18.15 -1.49 16.39
C TRP A 35 18.25 -2.99 16.64
N MET A 36 18.91 -3.70 15.73
CA MET A 36 19.34 -5.06 16.02
C MET A 36 20.74 -4.99 16.60
N GLY A 37 21.07 -5.91 17.51
CA GLY A 37 22.36 -5.86 18.18
C GLY A 37 22.76 -7.11 18.93
N THR A 38 23.87 -6.99 19.64
CA THR A 38 24.46 -8.07 20.44
C THR A 38 24.58 -7.58 21.89
N TRP A 39 24.38 -8.49 22.83
CA TRP A 39 24.43 -8.18 24.26
C TRP A 39 25.37 -9.17 24.94
N ASN A 40 26.33 -8.64 25.71
CA ASN A 40 27.33 -9.48 26.40
C ASN A 40 28.08 -10.43 25.44
N GLY A 41 28.28 -10.00 24.20
CA GLY A 41 29.02 -10.77 23.20
C GLY A 41 28.36 -12.01 22.59
N THR A 42 27.44 -12.64 23.33
CA THR A 42 26.82 -13.91 22.92
C THR A 42 25.39 -13.79 22.37
N THR A 43 24.68 -12.72 22.74
CA THR A 43 23.23 -12.72 22.62
C THR A 43 22.66 -11.67 21.68
N ARG A 44 22.02 -12.14 20.59
CA ARG A 44 21.27 -11.30 19.67
C ARG A 44 20.03 -10.70 20.32
N VAL A 45 19.94 -9.37 20.26
CA VAL A 45 18.87 -8.62 20.90
C VAL A 45 18.34 -7.53 19.98
N ALA A 46 17.22 -6.93 20.40
CA ALA A 46 16.75 -5.68 19.85
C ALA A 46 16.89 -4.61 20.92
N ILE A 47 17.18 -3.39 20.48
CA ILE A 47 17.43 -2.28 21.39
C ILE A 47 16.63 -1.08 20.93
N LYS A 48 15.67 -0.63 21.74
CA LYS A 48 14.91 0.59 21.43
C LYS A 48 15.64 1.78 22.03
N THR A 49 16.02 2.74 21.18
CA THR A 49 16.71 3.96 21.63
C THR A 49 15.76 5.19 21.66
N LEU A 50 16.14 6.21 22.44
CA LEU A 50 15.37 7.47 22.51
C LEU A 50 16.26 8.69 22.31
N ALA A 64 8.41 -0.49 29.38
CA ALA A 64 9.64 -0.93 30.08
C ALA A 64 9.45 -1.15 31.60
N GLN A 65 8.82 -0.20 32.29
CA GLN A 65 8.32 -0.44 33.65
C GLN A 65 7.23 -1.48 33.62
N VAL A 66 6.26 -1.27 32.73
CA VAL A 66 5.26 -2.24 32.28
C VAL A 66 5.82 -3.57 31.84
N MET A 67 6.81 -3.50 30.97
CA MET A 67 7.45 -4.69 30.40
C MET A 67 8.17 -5.58 31.42
N LYS A 68 8.46 -5.03 32.61
CA LYS A 68 9.17 -5.71 33.72
C LYS A 68 8.22 -6.61 34.46
N LYS A 69 6.98 -6.17 34.59
CA LYS A 69 5.97 -6.87 35.36
C LYS A 69 5.20 -7.86 34.52
N LEU A 70 5.14 -7.66 33.20
CA LEU A 70 4.41 -8.60 32.33
C LEU A 70 5.35 -9.59 31.67
N ARG A 71 5.17 -10.86 31.97
CA ARG A 71 6.01 -11.93 31.42
C ARG A 71 5.13 -13.04 30.83
N HIS A 72 5.07 -13.13 29.49
CA HIS A 72 4.25 -14.14 28.82
C HIS A 72 4.91 -14.56 27.52
N GLU A 73 4.69 -15.79 27.14
CA GLU A 73 5.12 -16.40 25.87
C GLU A 73 4.77 -15.59 24.59
N LYS A 74 3.61 -14.93 24.59
CA LYS A 74 3.09 -14.22 23.43
C LYS A 74 3.20 -12.69 23.56
N LEU A 75 4.11 -12.23 24.42
CA LEU A 75 4.43 -10.83 24.59
C LEU A 75 5.90 -10.71 24.44
N VAL A 76 6.35 -9.63 23.82
CA VAL A 76 7.77 -9.41 23.63
C VAL A 76 8.48 -9.34 24.98
N GLN A 77 9.62 -10.03 25.05
CA GLN A 77 10.32 -10.34 26.29
C GLN A 77 11.45 -9.35 26.58
N LEU A 78 11.26 -8.50 27.61
CA LEU A 78 12.33 -7.63 28.11
C LEU A 78 13.56 -8.43 28.51
N TYR A 79 14.74 -7.95 28.10
CA TYR A 79 16.02 -8.49 28.56
C TYR A 79 16.69 -7.59 29.58
N ALA A 80 16.77 -6.30 29.27
CA ALA A 80 17.54 -5.35 30.06
C ALA A 80 17.10 -3.93 29.76
N VAL A 81 17.50 -2.99 30.60
CA VAL A 81 17.28 -1.55 30.37
C VAL A 81 18.50 -0.71 30.78
N VAL A 82 18.61 0.48 30.18
CA VAL A 82 19.71 1.43 30.46
C VAL A 82 19.12 2.80 30.80
N SER A 83 19.48 3.31 31.97
CA SER A 83 19.26 4.70 32.42
C SER A 83 17.84 5.25 32.26
N GLU A 85 20.39 8.22 29.75
CA GLU A 85 20.53 9.21 28.68
C GLU A 85 21.87 9.03 27.94
N PRO A 86 21.88 8.30 26.81
CA PRO A 86 20.74 7.72 26.04
C PRO A 86 20.16 6.43 26.62
N ILE A 87 18.85 6.46 26.90
CA ILE A 87 18.10 5.32 27.42
C ILE A 87 17.91 4.21 26.37
N TYR A 88 18.26 2.99 26.77
CA TYR A 88 18.02 1.80 25.96
C TYR A 88 17.03 0.84 26.64
N ILE A 89 16.23 0.18 25.81
CA ILE A 89 15.37 -0.90 26.25
C ILE A 89 15.78 -2.09 25.38
N VAL A 90 16.17 -3.16 26.03
CA VAL A 90 16.73 -4.31 25.35
C VAL A 90 15.76 -5.47 25.43
N THR A 91 15.53 -6.12 24.31
CA THR A 91 14.57 -7.17 24.25
C THR A 91 15.02 -8.34 23.43
N GLU A 92 14.27 -9.41 23.53
CA GLU A 92 14.37 -10.58 22.68
C GLU A 92 14.12 -10.18 21.23
N TYR A 93 14.91 -10.75 20.33
CA TYR A 93 14.88 -10.34 18.93
C TYR A 93 13.89 -11.19 18.13
N MET A 94 13.08 -10.51 17.33
CA MET A 94 12.07 -11.16 16.51
C MET A 94 12.49 -11.03 15.07
N SER A 95 12.90 -12.17 14.53
CA SER A 95 13.66 -12.28 13.29
C SER A 95 12.86 -12.01 12.04
N LYS A 96 11.52 -11.99 12.16
CA LYS A 96 10.67 -11.82 10.97
C LYS A 96 10.02 -10.43 10.89
N GLY A 97 10.29 -9.59 11.90
CA GLY A 97 9.90 -8.17 11.87
C GLY A 97 8.48 -7.94 12.37
N CYS A 98 7.94 -6.77 12.09
CA CYS A 98 6.57 -6.46 12.44
C CYS A 98 5.56 -7.12 11.54
N LEU A 99 4.42 -7.48 12.09
CA LEU A 99 3.37 -8.24 11.37
C LEU A 99 2.73 -7.50 10.19
N LEU A 100 2.54 -6.19 10.34
CA LEU A 100 2.04 -5.38 9.26
C LEU A 100 2.87 -5.66 8.01
N ASP A 101 4.18 -5.51 8.15
CA ASP A 101 5.09 -5.66 7.01
C ASP A 101 5.17 -7.08 6.46
N PHE A 102 4.88 -8.07 7.31
CA PHE A 102 4.97 -9.45 6.98
C PHE A 102 3.76 -9.83 6.15
N LEU A 103 2.62 -9.34 6.60
CA LEU A 103 1.37 -9.47 5.89
C LEU A 103 1.40 -8.76 4.56
N LYS A 104 1.92 -7.55 4.52
CA LYS A 104 2.05 -6.73 3.27
C LYS A 104 3.05 -7.33 2.28
N GLY A 105 4.21 -7.77 2.79
CA GLY A 105 5.31 -8.33 2.01
C GLY A 105 5.15 -9.63 1.22
N GLU A 106 6.30 -10.17 0.79
CA GLU A 106 6.41 -11.36 -0.09
C GLU A 106 5.81 -12.63 0.50
N MET A 107 6.01 -12.81 1.81
CA MET A 107 5.53 -14.01 2.50
C MET A 107 4.17 -13.77 3.13
N GLY A 108 3.19 -13.41 2.32
CA GLY A 108 1.89 -14.06 2.34
C GLY A 108 0.85 -13.31 1.55
N LYS A 109 1.14 -13.05 0.28
CA LYS A 109 1.01 -14.06 -0.76
C LYS A 109 1.77 -15.33 -0.40
N TYR A 110 1.34 -15.98 0.68
CA TYR A 110 0.88 -17.36 0.59
C TYR A 110 0.10 -17.76 1.85
N LEU A 111 0.10 -16.87 2.83
CA LEU A 111 -0.69 -17.08 4.05
C LEU A 111 -2.16 -17.30 3.71
N ARG A 112 -2.75 -18.31 4.37
CA ARG A 112 -4.16 -18.60 4.22
C ARG A 112 -4.87 -18.53 5.61
N LEU A 113 -6.17 -18.77 5.63
CA LEU A 113 -6.94 -18.60 6.87
C LEU A 113 -6.35 -19.36 8.08
N PRO A 114 -5.94 -20.65 7.88
CA PRO A 114 -5.41 -21.36 9.04
C PRO A 114 -4.15 -20.78 9.66
N GLN A 115 -3.24 -20.27 8.85
CA GLN A 115 -2.09 -19.54 9.35
C GLN A 115 -2.51 -18.21 10.01
N LEU A 116 -3.42 -17.49 9.39
CA LEU A 116 -3.82 -16.16 9.89
C LEU A 116 -4.65 -16.27 11.16
N VAL A 117 -5.51 -17.28 11.26
CA VAL A 117 -6.30 -17.57 12.50
C VAL A 117 -5.43 -18.04 13.68
N ASP A 118 -4.38 -18.81 13.37
CA ASP A 118 -3.42 -19.21 14.39
C ASP A 118 -2.60 -18.05 14.90
N MET A 119 -2.17 -17.16 14.00
CA MET A 119 -1.59 -15.86 14.38
C MET A 119 -2.52 -15.05 15.27
N ALA A 120 -3.80 -15.04 14.94
CA ALA A 120 -4.82 -14.40 15.72
C ALA A 120 -4.94 -15.00 17.14
N ALA A 121 -5.01 -16.35 17.21
CA ALA A 121 -5.02 -17.14 18.46
C ALA A 121 -3.90 -16.74 19.44
N GLN A 122 -2.70 -16.54 18.89
CA GLN A 122 -1.49 -16.24 19.63
C GLN A 122 -1.53 -14.83 20.18
N ILE A 123 -1.91 -13.87 19.34
CA ILE A 123 -2.13 -12.51 19.82
C ILE A 123 -3.22 -12.48 20.92
N ALA A 124 -4.33 -13.19 20.69
CA ALA A 124 -5.41 -13.37 21.68
C ALA A 124 -4.91 -13.96 22.99
N SER A 125 -4.07 -14.99 22.89
CA SER A 125 -3.37 -15.56 24.06
C SER A 125 -2.51 -14.56 24.83
N GLY A 126 -1.70 -13.77 24.14
CA GLY A 126 -0.95 -12.73 24.84
C GLY A 126 -1.86 -11.68 25.50
N MET A 127 -2.96 -11.35 24.85
CA MET A 127 -3.89 -10.33 25.33
C MET A 127 -4.81 -10.87 26.45
N ALA A 128 -5.13 -12.18 26.42
CA ALA A 128 -5.84 -12.85 27.52
C ALA A 128 -5.04 -12.78 28.81
N TYR A 129 -3.72 -12.86 28.67
CA TYR A 129 -2.73 -12.59 29.72
C TYR A 129 -2.71 -11.14 30.20
N VAL A 130 -2.54 -10.19 29.28
CA VAL A 130 -2.75 -8.78 29.62
C VAL A 130 -4.03 -8.55 30.45
N GLU A 131 -5.12 -9.16 29.99
CA GLU A 131 -6.44 -9.11 30.58
C GLU A 131 -6.52 -9.69 31.99
N ARG A 132 -5.90 -10.86 32.20
CA ARG A 132 -5.79 -11.55 33.49
C ARG A 132 -5.01 -10.70 34.49
N MET A 133 -4.05 -9.94 33.99
CA MET A 133 -3.18 -9.09 34.80
C MET A 133 -3.73 -7.70 35.04
N ASN A 134 -4.93 -7.42 34.51
CA ASN A 134 -5.57 -6.11 34.65
C ASN A 134 -4.77 -4.95 34.05
N TYR A 135 -4.14 -5.25 32.92
CA TYR A 135 -3.50 -4.22 32.13
C TYR A 135 -4.29 -3.85 30.87
N VAL A 136 -3.87 -2.78 30.21
CA VAL A 136 -4.44 -2.27 28.97
C VAL A 136 -3.26 -2.01 28.02
N HIS A 137 -3.45 -2.31 26.74
CA HIS A 137 -2.36 -2.10 25.76
C HIS A 137 -2.41 -0.69 25.19
N ARG A 138 -3.60 -0.30 24.68
CA ARG A 138 -3.92 1.05 24.11
C ARG A 138 -3.65 1.23 22.60
N ASP A 139 -2.76 0.39 22.04
CA ASP A 139 -2.34 0.54 20.63
C ASP A 139 -2.12 -0.81 19.95
N LEU A 140 -3.12 -1.67 20.12
CA LEU A 140 -3.09 -2.99 19.57
C LEU A 140 -3.51 -2.97 18.10
N ARG A 141 -2.56 -3.35 17.23
CA ARG A 141 -2.71 -3.37 15.79
C ARG A 141 -1.50 -4.12 15.23
N ALA A 142 -1.55 -4.47 13.95
CA ALA A 142 -0.53 -5.31 13.30
C ALA A 142 0.88 -4.74 13.25
N ALA A 143 0.98 -3.40 13.29
CA ALA A 143 2.27 -2.67 13.37
C ALA A 143 2.98 -2.94 14.68
N ASN A 144 2.21 -3.35 15.70
CA ASN A 144 2.71 -3.56 17.07
C ASN A 144 2.71 -5.04 17.47
N ILE A 145 2.59 -5.92 16.49
CA ILE A 145 2.78 -7.35 16.71
C ILE A 145 4.11 -7.63 16.01
N LEU A 146 4.94 -8.48 16.58
CA LEU A 146 6.25 -8.87 16.07
C LEU A 146 6.30 -10.35 15.73
N VAL A 147 6.92 -10.71 14.64
CA VAL A 147 6.88 -12.10 14.15
C VAL A 147 8.28 -12.76 14.29
N GLY A 148 8.32 -13.99 14.76
CA GLY A 148 9.62 -14.66 14.95
C GLY A 148 9.66 -15.95 14.16
N GLU A 149 10.56 -16.85 14.52
CA GLU A 149 10.65 -18.09 13.78
C GLU A 149 9.40 -18.94 14.04
N ASN A 150 8.96 -19.65 13.00
CA ASN A 150 7.84 -20.61 13.09
C ASN A 150 6.49 -19.90 13.20
N LEU A 151 6.50 -18.65 12.77
CA LEU A 151 5.30 -17.81 12.63
C LEU A 151 4.70 -17.51 14.00
N VAL A 152 5.60 -17.39 14.98
CA VAL A 152 5.26 -17.06 16.36
C VAL A 152 5.01 -15.55 16.33
N CYS A 153 3.97 -15.11 17.06
CA CYS A 153 3.59 -13.70 17.14
C CYS A 153 3.52 -13.23 18.59
N LYS A 154 4.11 -12.08 18.83
CA LYS A 154 4.19 -11.49 20.14
C LYS A 154 3.74 -10.04 20.09
N VAL A 155 2.90 -9.69 21.05
CA VAL A 155 2.48 -8.32 21.35
C VAL A 155 3.66 -7.47 21.85
N ALA A 156 3.83 -6.30 21.24
CA ALA A 156 4.92 -5.38 21.55
C ALA A 156 4.36 -3.96 21.71
N ASP A 157 5.24 -3.00 22.01
CA ASP A 157 4.98 -1.55 22.04
C ASP A 157 3.69 -1.07 22.71
N PHE A 158 3.50 -1.42 23.99
CA PHE A 158 2.33 -0.94 24.75
C PHE A 158 2.08 0.57 24.63
N PRO A 178 -4.44 8.62 16.23
CA PRO A 178 -4.74 7.88 15.00
C PRO A 178 -5.69 6.71 15.10
N ILE A 179 -6.94 6.93 14.70
CA ILE A 179 -8.09 6.40 15.37
C ILE A 179 -8.81 5.23 14.73
N LYS A 180 -8.31 4.75 13.59
CA LYS A 180 -8.98 3.64 12.90
C LYS A 180 -9.02 2.31 13.69
N TRP A 181 -8.13 2.17 14.67
CA TRP A 181 -8.01 0.98 15.54
C TRP A 181 -8.61 1.14 16.93
N THR A 182 -9.06 2.36 17.24
CA THR A 182 -9.36 2.76 18.60
C THR A 182 -10.86 2.68 18.80
N ALA A 183 -11.27 2.09 19.90
CA ALA A 183 -12.68 2.04 20.25
C ALA A 183 -13.24 3.46 20.37
N PRO A 184 -14.49 3.69 19.93
CA PRO A 184 -15.14 5.05 19.97
C PRO A 184 -15.04 5.76 21.33
N GLU A 185 -15.39 5.08 22.41
CA GLU A 185 -15.32 5.65 23.77
C GLU A 185 -13.95 6.09 24.22
N ALA A 186 -12.93 5.61 23.50
CA ALA A 186 -11.54 5.83 23.84
C ALA A 186 -10.91 6.93 22.99
N ALA A 187 -11.28 6.94 21.71
CA ALA A 187 -10.88 8.02 20.80
C ALA A 187 -11.53 9.37 21.19
N LEU A 188 -12.72 9.31 21.77
CA LEU A 188 -13.51 10.49 22.15
C LEU A 188 -13.26 10.87 23.63
N TYR A 189 -13.60 9.98 24.57
CA TYR A 189 -13.63 10.29 26.01
C TYR A 189 -12.44 9.76 26.80
N GLY A 190 -11.42 9.27 26.09
CA GLY A 190 -10.24 8.67 26.70
C GLY A 190 -10.51 7.48 27.56
N ARG A 191 -11.63 6.80 27.35
CA ARG A 191 -11.94 5.60 28.15
C ARG A 191 -11.27 4.32 27.62
N PHE A 192 -9.98 4.17 27.93
CA PHE A 192 -9.15 3.01 27.54
C PHE A 192 -9.18 1.90 28.56
N THR A 193 -9.75 0.77 28.15
CA THR A 193 -9.84 -0.42 28.98
C THR A 193 -9.47 -1.62 28.12
N ILE A 194 -9.50 -2.82 28.70
CA ILE A 194 -9.26 -4.03 27.96
C ILE A 194 -10.32 -4.25 26.85
N LYS A 195 -11.53 -3.69 27.06
CA LYS A 195 -12.61 -3.76 26.08
C LYS A 195 -12.39 -2.79 24.92
N SER A 196 -11.61 -1.75 25.12
CA SER A 196 -11.22 -0.98 23.95
C SER A 196 -10.12 -1.75 23.19
N ASP A 197 -9.35 -2.58 23.92
CA ASP A 197 -8.33 -3.42 23.27
C ASP A 197 -9.00 -4.50 22.40
N VAL A 198 -10.06 -5.10 22.93
CA VAL A 198 -10.93 -6.05 22.23
C VAL A 198 -11.43 -5.48 20.90
N TRP A 199 -11.91 -4.24 20.90
CA TRP A 199 -12.30 -3.55 19.65
C TRP A 199 -11.14 -3.55 18.67
N SER A 200 -9.97 -3.14 19.14
CA SER A 200 -8.75 -3.00 18.35
C SER A 200 -8.37 -4.34 17.73
N PHE A 201 -8.51 -5.40 18.54
CA PHE A 201 -8.32 -6.77 18.10
C PHE A 201 -9.30 -7.12 16.99
N GLY A 202 -10.52 -6.57 17.04
CA GLY A 202 -11.47 -6.74 15.94
C GLY A 202 -10.94 -6.19 14.62
N ILE A 203 -10.33 -5.00 14.67
CA ILE A 203 -9.69 -4.36 13.53
C ILE A 203 -8.41 -5.11 13.03
N LEU A 204 -7.57 -5.56 13.96
CA LEU A 204 -6.43 -6.40 13.66
C LEU A 204 -6.88 -7.67 12.89
N LEU A 205 -8.01 -8.23 13.26
CA LEU A 205 -8.63 -9.32 12.51
C LEU A 205 -8.95 -8.97 11.07
N THR A 206 -9.34 -7.73 10.76
CA THR A 206 -9.51 -7.30 9.35
C THR A 206 -8.16 -7.09 8.67
N GLU A 207 -7.14 -6.61 9.40
CA GLU A 207 -5.78 -6.57 8.86
C GLU A 207 -5.27 -7.98 8.48
N LEU A 208 -5.57 -8.97 9.32
CA LEU A 208 -5.17 -10.36 9.06
C LEU A 208 -5.82 -10.92 7.80
N THR A 209 -7.15 -10.81 7.70
CA THR A 209 -7.93 -11.29 6.57
C THR A 209 -7.75 -10.54 5.23
N THR A 210 -7.12 -9.35 5.23
CA THR A 210 -6.91 -8.55 3.98
C THR A 210 -5.44 -8.41 3.66
N LYS A 211 -4.62 -9.20 4.36
CA LYS A 211 -3.17 -9.16 4.28
C LYS A 211 -2.63 -7.79 4.59
N GLY A 212 -3.16 -7.12 5.62
CA GLY A 212 -2.54 -5.89 6.12
C GLY A 212 -3.01 -4.60 5.45
N ARG A 213 -4.19 -4.62 4.80
CA ARG A 213 -4.75 -3.40 4.24
C ARG A 213 -5.20 -2.46 5.38
N VAL A 214 -5.11 -1.16 5.13
CA VAL A 214 -5.60 -0.16 6.07
C VAL A 214 -7.09 -0.34 6.27
N PRO A 215 -7.57 -0.35 7.53
CA PRO A 215 -9.02 -0.42 7.74
C PRO A 215 -9.79 0.77 7.11
N TYR A 216 -11.08 0.59 6.87
CA TYR A 216 -12.00 1.64 6.38
C TYR A 216 -11.44 2.29 5.12
N PRO A 217 -11.20 1.49 4.06
CA PRO A 217 -10.46 2.02 2.91
C PRO A 217 -11.20 3.21 2.29
N GLY A 218 -10.45 4.26 1.98
CA GLY A 218 -11.03 5.48 1.42
C GLY A 218 -11.68 6.44 2.41
N MET A 219 -11.80 6.03 3.67
CA MET A 219 -12.34 6.88 4.75
C MET A 219 -11.26 7.56 5.58
N VAL A 220 -11.42 8.83 5.75
CA VAL A 220 -10.54 9.62 6.54
C VAL A 220 -11.00 9.47 7.98
N ASN A 221 -10.13 9.75 8.94
CA ASN A 221 -10.44 9.58 10.37
C ASN A 221 -11.73 10.24 10.86
N ARG A 222 -12.15 11.31 10.20
CA ARG A 222 -13.37 12.04 10.61
C ARG A 222 -14.61 11.28 10.17
N GLU A 223 -14.56 10.81 8.93
CA GLU A 223 -15.61 10.04 8.33
C GLU A 223 -15.73 8.66 9.04
N VAL A 224 -14.60 8.08 9.47
CA VAL A 224 -14.61 6.82 10.27
C VAL A 224 -15.29 7.03 11.60
N LEU A 225 -14.97 8.16 12.24
CA LEU A 225 -15.49 8.47 13.55
C LEU A 225 -16.96 8.79 13.51
N ASP A 226 -17.37 9.59 12.53
CA ASP A 226 -18.81 9.90 12.36
C ASP A 226 -19.64 8.68 12.01
N GLN A 227 -19.14 7.87 11.07
CA GLN A 227 -19.85 6.68 10.59
C GLN A 227 -19.99 5.58 11.65
N VAL A 228 -18.89 5.32 12.38
CA VAL A 228 -18.87 4.32 13.45
C VAL A 228 -19.86 4.63 14.59
N GLU A 229 -19.97 5.91 14.93
CA GLU A 229 -20.97 6.47 15.87
C GLU A 229 -22.39 6.24 15.39
N ARG A 230 -22.57 6.39 14.09
CA ARG A 230 -23.85 6.09 13.45
C ARG A 230 -24.09 4.60 13.27
N GLY A 231 -23.18 3.77 13.78
CA GLY A 231 -23.38 2.33 13.78
C GLY A 231 -22.87 1.54 12.59
N TYR A 232 -22.15 2.19 11.69
CA TYR A 232 -21.40 1.55 10.59
C TYR A 232 -20.27 0.64 11.11
N ARG A 233 -20.16 -0.55 10.51
CA ARG A 233 -19.03 -1.45 10.72
C ARG A 233 -18.51 -1.92 9.37
N MET A 234 -17.19 -2.07 9.22
CA MET A 234 -16.62 -2.73 8.03
C MET A 234 -17.38 -4.01 7.75
N PRO A 235 -17.59 -4.30 6.44
CA PRO A 235 -18.25 -5.49 5.94
C PRO A 235 -17.32 -6.71 5.90
N CYS A 236 -17.91 -7.87 5.64
CA CYS A 236 -17.23 -9.16 5.59
C CYS A 236 -16.21 -9.16 4.44
N PRO A 237 -14.89 -9.24 4.78
CA PRO A 237 -13.85 -9.22 3.75
C PRO A 237 -13.97 -10.37 2.77
N PRO A 238 -13.46 -10.18 1.54
CA PRO A 238 -13.50 -11.26 0.54
C PRO A 238 -12.98 -12.61 1.04
N GLU A 239 -13.77 -13.64 0.80
CA GLU A 239 -13.53 -15.02 1.26
C GLU A 239 -13.59 -15.28 2.75
N CYS A 240 -13.84 -14.23 3.55
CA CYS A 240 -13.75 -14.37 5.00
C CYS A 240 -15.02 -15.06 5.47
N PRO A 241 -14.89 -16.16 6.23
CA PRO A 241 -16.12 -16.85 6.67
C PRO A 241 -16.96 -15.93 7.56
N GLU A 242 -18.26 -16.14 7.53
CA GLU A 242 -19.23 -15.37 8.26
C GLU A 242 -19.02 -15.48 9.78
N SER A 243 -18.58 -16.64 10.21
CA SER A 243 -18.37 -16.91 11.62
C SER A 243 -17.21 -16.06 12.14
N LEU A 244 -16.19 -15.88 11.33
CA LEU A 244 -15.11 -14.94 11.65
C LEU A 244 -15.52 -13.45 11.60
N HIS A 245 -16.39 -13.06 10.67
CA HIS A 245 -16.83 -11.67 10.61
C HIS A 245 -17.80 -11.34 11.74
N ASP A 246 -18.65 -12.29 12.09
CA ASP A 246 -19.48 -12.17 13.30
C ASP A 246 -18.65 -11.90 14.56
N LEU A 247 -17.52 -12.59 14.62
CA LEU A 247 -16.57 -12.40 15.70
C LEU A 247 -16.03 -10.99 15.73
N MET A 248 -15.59 -10.50 14.58
CA MET A 248 -15.27 -9.09 14.43
C MET A 248 -16.39 -8.19 14.98
N CYS A 249 -17.61 -8.36 14.50
CA CYS A 249 -18.79 -7.61 14.99
C CYS A 249 -19.07 -7.65 16.48
N GLN A 250 -18.77 -8.76 17.14
CA GLN A 250 -18.84 -8.84 18.57
C GLN A 250 -17.80 -7.92 19.23
N CYS A 251 -16.61 -7.83 18.65
CA CYS A 251 -15.54 -6.99 19.17
C CYS A 251 -15.85 -5.51 18.94
N TRP A 252 -16.71 -5.23 17.97
CA TRP A 252 -17.10 -3.86 17.69
C TRP A 252 -18.49 -3.47 18.25
N ARG A 253 -18.96 -4.15 19.30
CA ARG A 253 -20.21 -3.79 19.96
C ARG A 253 -20.05 -2.41 20.56
N LYS A 254 -21.04 -1.54 20.31
CA LYS A 254 -21.07 -0.16 20.86
C LYS A 254 -20.73 -0.12 22.35
N ASP A 255 -21.32 -1.04 23.09
CA ASP A 255 -21.28 -1.12 24.50
C ASP A 255 -20.08 -1.99 24.92
N PRO A 256 -19.02 -1.35 25.49
CA PRO A 256 -17.77 -2.07 25.72
C PRO A 256 -17.98 -3.37 26.46
N GLU A 257 -18.97 -3.42 27.34
CA GLU A 257 -19.10 -4.57 28.24
C GLU A 257 -19.77 -5.76 27.59
N GLU A 258 -20.29 -5.56 26.36
CA GLU A 258 -20.91 -6.63 25.58
C GLU A 258 -19.94 -7.32 24.57
N ARG A 259 -18.82 -6.64 24.29
CA ARG A 259 -17.63 -7.18 23.61
C ARG A 259 -17.03 -8.42 24.32
N PRO A 260 -16.63 -9.50 23.56
CA PRO A 260 -16.15 -10.69 24.32
C PRO A 260 -14.82 -10.43 25.07
N THR A 261 -14.43 -11.38 25.90
CA THR A 261 -13.17 -11.30 26.57
C THR A 261 -12.08 -11.85 25.62
N PHE A 262 -10.83 -11.56 25.94
CA PHE A 262 -9.76 -12.17 25.21
C PHE A 262 -9.69 -13.67 25.45
N GLU A 263 -10.04 -14.10 26.67
CA GLU A 263 -10.07 -15.53 27.01
C GLU A 263 -11.02 -16.32 26.09
N TYR A 264 -12.22 -15.80 25.85
CA TYR A 264 -13.15 -16.35 24.86
C TYR A 264 -12.57 -16.30 23.43
N LEU A 265 -11.96 -15.16 23.08
CA LEU A 265 -11.29 -14.96 21.78
C LEU A 265 -10.22 -16.03 21.53
N GLN A 266 -9.27 -16.17 22.44
CA GLN A 266 -8.27 -17.19 22.41
C GLN A 266 -8.84 -18.57 22.12
N ALA A 267 -9.83 -19.01 22.93
CA ALA A 267 -10.44 -20.34 22.87
C ALA A 267 -11.22 -20.64 21.56
N PHE A 268 -11.94 -19.62 21.09
CA PHE A 268 -12.66 -19.64 19.81
C PHE A 268 -11.72 -19.78 18.59
N LEU A 269 -10.60 -19.07 18.66
CA LEU A 269 -9.64 -19.02 17.55
C LEU A 269 -8.75 -20.27 17.50
N GLU A 270 -8.39 -20.79 18.68
CA GLU A 270 -7.60 -22.01 18.76
C GLU A 270 -8.39 -23.21 18.23
N ASP A 271 -9.68 -23.24 18.56
CA ASP A 271 -10.57 -24.34 18.25
C ASP A 271 -11.32 -24.16 16.92
N TYR A 272 -11.07 -23.08 16.20
CA TYR A 272 -11.86 -22.63 15.05
C TYR A 272 -12.15 -23.67 13.97
N PHE A 273 -11.13 -24.43 13.59
CA PHE A 273 -11.27 -25.28 12.44
C PHE A 273 -11.95 -26.65 12.78
N THR A 274 -12.11 -26.95 14.07
CA THR A 274 -12.87 -28.12 14.51
C THR A 274 -14.29 -27.75 14.94
N SER A 275 -14.42 -26.70 15.73
CA SER A 275 -15.71 -26.37 16.36
C SER A 275 -16.60 -25.43 15.56
N THR A 276 -15.98 -24.60 14.70
CA THR A 276 -16.69 -23.46 14.11
C THR A 276 -16.77 -23.63 12.61
N GLU A 277 -15.60 -23.90 12.00
CA GLU A 277 -15.52 -24.13 10.55
C GLU A 277 -14.88 -25.47 10.15
N PRO A 278 -15.53 -26.62 10.50
CA PRO A 278 -14.95 -27.93 10.20
C PRO A 278 -14.97 -28.31 8.69
N GLN A 279 -15.79 -27.63 7.91
CA GLN A 279 -15.92 -27.83 6.47
C GLN A 279 -15.24 -26.72 5.64
N TYR A 280 -14.36 -25.94 6.27
CA TYR A 280 -13.50 -24.97 5.58
C TYR A 280 -12.74 -25.58 4.40
N GLN A 281 -12.81 -24.91 3.25
CA GLN A 281 -11.93 -25.23 2.11
C GLN A 281 -11.13 -24.02 1.67
N PRO A 282 -9.87 -24.25 1.24
CA PRO A 282 -9.04 -23.13 0.81
C PRO A 282 -9.65 -22.49 -0.43
N GLY A 283 -9.32 -21.23 -0.63
CA GLY A 283 -9.88 -20.44 -1.73
C GLY A 283 -8.69 -19.79 -2.37
N GLU A 284 -8.94 -18.77 -3.18
CA GLU A 284 -7.91 -18.02 -3.88
C GLU A 284 -6.99 -17.25 -2.94
N ASN A 285 -7.55 -16.61 -1.91
CA ASN A 285 -6.75 -15.80 -0.99
C ASN A 285 -6.79 -16.22 0.52
N LEU A 286 -7.85 -16.90 0.95
CA LEU A 286 -8.03 -17.34 2.35
C LEU A 286 -8.49 -18.80 2.46
N LYS B 10 -22.11 -1.38 -39.62
CA LYS B 10 -21.29 -0.72 -38.57
C LYS B 10 -21.88 -0.94 -37.16
N ASP B 11 -21.02 -0.81 -36.14
CA ASP B 11 -21.43 -1.00 -34.74
C ASP B 11 -22.16 0.20 -34.09
N ALA B 12 -22.70 -0.01 -32.89
CA ALA B 12 -23.39 1.04 -32.15
C ALA B 12 -22.46 2.11 -31.52
N TRP B 13 -21.16 2.00 -31.79
CA TRP B 13 -20.20 3.07 -31.44
C TRP B 13 -20.25 4.21 -32.46
N GLU B 14 -20.82 3.91 -33.62
CA GLU B 14 -21.04 4.88 -34.70
C GLU B 14 -21.94 6.04 -34.34
N ILE B 15 -21.43 7.23 -34.62
CA ILE B 15 -22.20 8.45 -34.51
C ILE B 15 -22.19 9.20 -35.85
N PRO B 16 -23.18 10.09 -36.06
CA PRO B 16 -23.15 10.87 -37.30
C PRO B 16 -22.15 12.01 -37.18
N ARG B 17 -21.59 12.40 -38.32
CA ARG B 17 -20.49 13.34 -38.38
C ARG B 17 -20.87 14.74 -37.92
N GLU B 18 -22.17 15.00 -37.82
CA GLU B 18 -22.70 16.31 -37.42
C GLU B 18 -22.97 16.42 -35.91
N SER B 19 -23.01 15.27 -35.23
CA SER B 19 -23.14 15.25 -33.75
C SER B 19 -21.90 15.79 -33.01
N LEU B 20 -20.84 16.15 -33.75
CA LEU B 20 -19.54 16.52 -33.19
C LEU B 20 -19.04 17.91 -33.57
N ARG B 21 -18.84 18.78 -32.59
CA ARG B 21 -18.16 20.04 -32.87
C ARG B 21 -16.71 20.07 -32.31
N LEU B 22 -15.74 20.29 -33.21
CA LEU B 22 -14.33 20.40 -32.84
C LEU B 22 -14.04 21.88 -32.57
N GLU B 23 -13.65 22.19 -31.32
CA GLU B 23 -13.59 23.57 -30.84
C GLU B 23 -12.20 24.18 -30.68
N VAL B 24 -11.24 23.39 -30.18
CA VAL B 24 -9.88 23.86 -29.81
C VAL B 24 -8.85 22.74 -30.07
N LYS B 25 -7.88 22.96 -30.97
CA LYS B 25 -6.76 22.01 -31.24
C LYS B 25 -5.81 21.78 -30.04
N LEU B 26 -5.13 20.55 -30.01
CA LEU B 26 -4.61 20.09 -28.72
C LEU B 26 -3.19 19.56 -28.86
N GLY B 27 -2.62 19.03 -29.88
CA GLY B 27 -3.27 19.01 -31.16
C GLY B 27 -2.70 17.97 -32.14
N GLN B 28 -1.38 17.81 -32.18
CA GLN B 28 -0.75 17.00 -33.25
C GLN B 28 0.75 16.69 -33.10
N GLY B 29 1.18 15.54 -33.61
CA GLY B 29 0.25 14.52 -34.13
C GLY B 29 0.74 13.68 -35.29
N CYS B 30 1.12 12.44 -34.99
CA CYS B 30 1.53 11.45 -36.01
C CYS B 30 0.32 10.67 -36.60
N PHE B 31 0.00 10.97 -37.85
CA PHE B 31 -1.20 10.44 -38.52
C PHE B 31 -2.51 11.02 -37.95
N GLY B 32 -2.46 12.27 -37.49
CA GLY B 32 -3.68 12.96 -37.11
C GLY B 32 -3.63 14.10 -36.10
N GLU B 33 -4.80 14.41 -35.57
CA GLU B 33 -5.00 15.55 -34.68
C GLU B 33 -5.73 15.15 -33.40
N VAL B 34 -5.61 15.98 -32.37
CA VAL B 34 -6.40 15.87 -31.17
C VAL B 34 -7.10 17.21 -30.90
N TRP B 35 -8.38 17.17 -30.58
CA TRP B 35 -9.16 18.38 -30.34
C TRP B 35 -9.99 18.25 -29.08
N MET B 36 -10.28 19.38 -28.45
CA MET B 36 -11.37 19.45 -27.50
C MET B 36 -12.61 19.87 -28.30
N GLY B 37 -13.77 19.40 -27.89
CA GLY B 37 -14.99 19.72 -28.58
C GLY B 37 -16.21 19.26 -27.86
N THR B 38 -17.30 19.11 -28.61
CA THR B 38 -18.59 18.75 -28.03
C THR B 38 -19.25 17.63 -28.82
N TRP B 39 -20.05 16.82 -28.13
CA TRP B 39 -20.74 15.69 -28.71
C TRP B 39 -22.23 15.73 -28.32
N ASN B 40 -23.10 15.60 -29.33
CA ASN B 40 -24.56 15.71 -29.15
C ASN B 40 -24.95 17.03 -28.50
N GLY B 41 -24.21 18.10 -28.82
CA GLY B 41 -24.53 19.44 -28.34
C GLY B 41 -24.31 19.65 -26.86
N THR B 42 -23.91 18.58 -26.16
CA THR B 42 -23.86 18.56 -24.71
C THR B 42 -22.52 18.08 -24.11
N THR B 43 -22.03 16.94 -24.58
CA THR B 43 -20.91 16.24 -23.93
C THR B 43 -19.53 16.76 -24.33
N ARG B 44 -18.78 17.20 -23.33
CA ARG B 44 -17.36 17.53 -23.50
C ARG B 44 -16.55 16.27 -23.86
N VAL B 45 -15.73 16.39 -24.91
CA VAL B 45 -15.06 15.25 -25.51
C VAL B 45 -13.69 15.64 -26.03
N ALA B 46 -12.81 14.64 -26.16
CA ALA B 46 -11.56 14.76 -26.90
C ALA B 46 -11.77 14.02 -28.19
N ILE B 47 -11.18 14.52 -29.26
CA ILE B 47 -11.48 14.03 -30.59
C ILE B 47 -10.17 13.84 -31.33
N LYS B 48 -9.89 12.61 -31.74
CA LYS B 48 -8.74 12.33 -32.57
C LYS B 48 -9.18 12.11 -34.02
N THR B 49 -8.39 12.67 -34.92
CA THR B 49 -8.60 12.66 -36.34
C THR B 49 -7.52 11.76 -36.93
N LEU B 50 -7.82 10.99 -37.98
CA LEU B 50 -6.78 10.24 -38.70
C LEU B 50 -6.54 10.75 -40.14
N GLN B 65 -11.96 -1.51 -31.25
CA GLN B 65 -10.72 -1.19 -31.95
C GLN B 65 -9.46 -1.91 -31.42
N VAL B 66 -9.37 -2.20 -30.11
CA VAL B 66 -10.43 -1.98 -29.11
C VAL B 66 -10.01 -1.24 -27.81
N MET B 67 -10.49 0.00 -27.69
CA MET B 67 -10.66 0.71 -26.44
C MET B 67 -12.08 0.41 -25.96
N LYS B 68 -12.83 -0.33 -26.78
CA LYS B 68 -14.22 -0.64 -26.50
C LYS B 68 -14.38 -1.96 -25.75
N LYS B 69 -13.32 -2.77 -25.76
CA LYS B 69 -13.30 -3.96 -24.91
C LYS B 69 -12.43 -3.79 -23.65
N LEU B 70 -12.23 -2.53 -23.24
CA LEU B 70 -11.62 -2.17 -21.97
C LEU B 70 -12.45 -1.05 -21.36
N ARG B 71 -13.07 -1.30 -20.21
CA ARG B 71 -13.88 -0.31 -19.50
C ARG B 71 -13.42 -0.24 -18.04
N HIS B 72 -12.68 0.82 -17.71
CA HIS B 72 -12.22 1.04 -16.34
C HIS B 72 -12.10 2.52 -15.98
N GLU B 73 -12.47 2.87 -14.76
CA GLU B 73 -12.43 4.24 -14.26
C GLU B 73 -11.09 5.01 -14.44
N LYS B 74 -9.99 4.28 -14.54
CA LYS B 74 -8.66 4.85 -14.65
C LYS B 74 -8.03 4.58 -16.01
N LEU B 75 -8.87 4.27 -16.97
CA LEU B 75 -8.51 4.24 -18.40
C LEU B 75 -9.47 5.18 -19.10
N VAL B 76 -8.93 6.03 -19.97
CA VAL B 76 -9.75 7.02 -20.64
C VAL B 76 -10.71 6.26 -21.54
N GLN B 77 -12.00 6.55 -21.44
CA GLN B 77 -13.00 5.78 -22.18
C GLN B 77 -13.32 6.29 -23.59
N LEU B 78 -13.43 5.36 -24.52
CA LEU B 78 -14.18 5.51 -25.76
C LEU B 78 -15.61 5.93 -25.59
N TYR B 79 -15.94 7.03 -26.20
CA TYR B 79 -17.35 7.44 -26.29
C TYR B 79 -17.97 7.02 -27.62
N ALA B 80 -17.27 7.30 -28.72
CA ALA B 80 -17.82 7.13 -30.07
C ALA B 80 -16.70 7.06 -31.09
N VAL B 81 -17.03 6.51 -32.26
CA VAL B 81 -16.12 6.50 -33.41
C VAL B 81 -16.82 6.89 -34.73
N VAL B 82 -16.05 7.20 -35.74
CA VAL B 82 -16.54 7.48 -37.04
C VAL B 82 -15.52 6.90 -37.95
N SER B 83 -15.91 5.91 -38.73
CA SER B 83 -15.30 4.59 -38.68
C SER B 83 -14.59 4.26 -39.98
N GLU B 84 -14.48 5.23 -40.87
CA GLU B 84 -14.89 5.05 -42.22
C GLU B 84 -14.06 5.94 -43.13
N GLU B 85 -14.15 7.24 -42.96
CA GLU B 85 -12.96 8.03 -43.11
C GLU B 85 -13.33 9.27 -43.80
N PRO B 86 -12.55 10.32 -43.64
CA PRO B 86 -11.93 10.70 -42.37
C PRO B 86 -12.46 10.12 -41.10
N ILE B 87 -11.58 9.43 -40.40
CA ILE B 87 -11.89 8.85 -39.11
C ILE B 87 -11.82 9.82 -37.96
N TYR B 88 -12.65 9.57 -36.95
CA TYR B 88 -12.79 10.36 -35.75
C TYR B 88 -12.94 9.37 -34.59
N ILE B 89 -12.09 9.52 -33.57
CA ILE B 89 -12.14 8.78 -32.31
C ILE B 89 -12.54 9.78 -31.23
N VAL B 90 -13.49 9.41 -30.40
CA VAL B 90 -14.09 10.34 -29.47
C VAL B 90 -14.06 9.70 -28.08
N THR B 91 -13.47 10.40 -27.11
CA THR B 91 -13.38 9.85 -25.76
C THR B 91 -13.76 10.94 -24.78
N GLU B 92 -13.88 10.54 -23.51
CA GLU B 92 -13.95 11.47 -22.40
C GLU B 92 -12.80 12.47 -22.47
N TYR B 93 -13.08 13.67 -22.02
CA TYR B 93 -12.11 14.74 -22.11
C TYR B 93 -11.38 14.83 -20.77
N MET B 94 -10.07 14.96 -20.87
CA MET B 94 -9.20 15.03 -19.69
C MET B 94 -8.62 16.41 -19.67
N SER B 95 -9.13 17.24 -18.76
CA SER B 95 -9.01 18.69 -18.91
C SER B 95 -7.61 19.24 -18.67
N LYS B 96 -6.80 18.53 -17.91
CA LYS B 96 -5.49 19.06 -17.53
C LYS B 96 -4.38 18.57 -18.42
N GLY B 97 -4.71 17.79 -19.47
CA GLY B 97 -3.71 17.33 -20.45
C GLY B 97 -2.81 16.18 -20.01
N CYS B 98 -1.66 15.97 -20.67
CA CYS B 98 -0.77 14.87 -20.35
C CYS B 98 -0.02 15.12 -19.06
N LEU B 99 0.22 14.04 -18.32
CA LEU B 99 0.86 14.12 -17.01
C LEU B 99 2.21 14.77 -17.03
N LEU B 100 3.03 14.42 -18.01
CA LEU B 100 4.34 15.06 -18.18
C LEU B 100 4.26 16.60 -18.15
N ASP B 101 3.42 17.20 -18.99
CA ASP B 101 3.30 18.67 -19.05
C ASP B 101 2.72 19.24 -17.75
N PHE B 102 1.81 18.50 -17.12
CA PHE B 102 1.23 18.86 -15.83
C PHE B 102 2.27 19.03 -14.73
N LEU B 103 3.20 18.07 -14.67
CA LEU B 103 4.22 18.00 -13.63
C LEU B 103 5.25 19.08 -13.82
N LYS B 104 5.54 19.37 -15.09
CA LYS B 104 6.58 20.35 -15.48
C LYS B 104 6.09 21.79 -15.33
N GLY B 105 4.86 22.05 -15.76
CA GLY B 105 4.29 23.36 -15.64
C GLY B 105 3.93 23.87 -14.26
N GLU B 106 3.01 24.84 -14.26
CA GLU B 106 2.63 25.69 -13.11
C GLU B 106 2.23 24.88 -11.90
N MET B 107 1.51 23.79 -12.12
CA MET B 107 1.10 22.88 -11.03
C MET B 107 2.22 22.15 -10.32
N GLY B 108 3.35 21.98 -11.02
CA GLY B 108 4.48 21.22 -10.57
C GLY B 108 4.99 21.59 -9.20
N LYS B 109 5.22 22.89 -8.99
CA LYS B 109 5.80 23.39 -7.74
C LYS B 109 4.92 23.20 -6.52
N TYR B 110 3.64 22.95 -6.73
CA TYR B 110 2.70 22.75 -5.63
C TYR B 110 2.43 21.26 -5.28
N LEU B 111 2.73 20.34 -6.20
CA LEU B 111 2.49 18.92 -5.93
C LEU B 111 3.54 18.42 -4.93
N ARG B 112 3.09 17.69 -3.93
CA ARG B 112 4.00 17.17 -2.94
C ARG B 112 3.82 15.67 -2.96
N LEU B 113 4.61 14.94 -2.18
CA LEU B 113 4.48 13.46 -2.15
C LEU B 113 3.03 12.90 -2.06
N PRO B 114 2.19 13.40 -1.10
CA PRO B 114 0.83 12.94 -0.99
C PRO B 114 0.02 13.02 -2.27
N GLN B 115 0.17 14.10 -3.04
CA GLN B 115 -0.55 14.18 -4.32
C GLN B 115 0.06 13.22 -5.31
N LEU B 116 1.38 13.12 -5.31
CA LEU B 116 2.08 12.37 -6.38
C LEU B 116 1.95 10.85 -6.20
N VAL B 117 1.89 10.40 -4.94
CA VAL B 117 1.68 9.02 -4.62
C VAL B 117 0.24 8.64 -4.90
N ASP B 118 -0.67 9.58 -4.70
CA ASP B 118 -2.06 9.34 -5.08
C ASP B 118 -2.25 9.20 -6.58
N MET B 119 -1.58 10.04 -7.35
CA MET B 119 -1.51 9.89 -8.79
C MET B 119 -0.90 8.54 -9.22
N ALA B 120 0.16 8.10 -8.55
CA ALA B 120 0.79 6.79 -8.77
C ALA B 120 -0.20 5.65 -8.56
N ALA B 121 -0.99 5.74 -7.47
CA ALA B 121 -1.95 4.69 -7.09
C ALA B 121 -3.09 4.51 -8.09
N GLN B 122 -3.41 5.60 -8.81
CA GLN B 122 -4.51 5.65 -9.77
C GLN B 122 -4.04 5.04 -11.05
N ILE B 123 -2.83 5.40 -11.48
CA ILE B 123 -2.21 4.73 -12.63
C ILE B 123 -2.02 3.22 -12.36
N ALA B 124 -1.53 2.86 -11.17
CA ALA B 124 -1.38 1.45 -10.76
C ALA B 124 -2.69 0.72 -10.80
N SER B 125 -3.74 1.36 -10.33
CA SER B 125 -5.13 0.82 -10.39
C SER B 125 -5.63 0.56 -11.83
N GLY B 126 -5.42 1.53 -12.73
CA GLY B 126 -5.66 1.33 -14.17
C GLY B 126 -4.84 0.18 -14.74
N MET B 127 -3.57 0.15 -14.40
CA MET B 127 -2.72 -0.95 -14.84
C MET B 127 -3.06 -2.31 -14.17
N ALA B 128 -3.61 -2.28 -12.96
CA ALA B 128 -4.13 -3.50 -12.33
C ALA B 128 -5.28 -4.08 -13.16
N TYR B 129 -6.13 -3.21 -13.71
CA TYR B 129 -7.20 -3.68 -14.57
C TYR B 129 -6.68 -4.29 -15.87
N VAL B 130 -5.70 -3.63 -16.49
CA VAL B 130 -4.97 -4.15 -17.66
C VAL B 130 -4.33 -5.54 -17.40
N GLU B 131 -3.78 -5.70 -16.21
CA GLU B 131 -3.20 -6.94 -15.69
C GLU B 131 -4.25 -8.04 -15.52
N ARG B 132 -5.40 -7.68 -14.95
CA ARG B 132 -6.47 -8.64 -14.72
C ARG B 132 -7.12 -9.03 -16.06
N MET B 133 -7.11 -8.12 -17.03
CA MET B 133 -7.65 -8.39 -18.36
C MET B 133 -6.68 -9.16 -19.24
N ASN B 134 -5.46 -9.38 -18.76
CA ASN B 134 -4.42 -10.04 -19.54
C ASN B 134 -3.98 -9.24 -20.77
N TYR B 135 -3.97 -7.91 -20.64
CA TYR B 135 -3.35 -7.05 -21.62
C TYR B 135 -1.97 -6.52 -21.23
N VAL B 136 -1.24 -6.00 -22.22
CA VAL B 136 -0.02 -5.23 -22.01
C VAL B 136 -0.12 -3.87 -22.70
N HIS B 137 0.52 -2.88 -22.10
CA HIS B 137 0.44 -1.51 -22.55
C HIS B 137 1.59 -1.20 -23.53
N ARG B 138 2.84 -1.50 -23.14
CA ARG B 138 4.08 -1.36 -23.97
C ARG B 138 4.70 0.04 -23.97
N ASP B 139 3.97 1.02 -23.47
CA ASP B 139 4.49 2.40 -23.47
C ASP B 139 3.93 3.24 -22.33
N LEU B 140 3.90 2.66 -21.13
CA LEU B 140 3.52 3.38 -19.94
C LEU B 140 4.62 4.37 -19.54
N ARG B 141 4.20 5.62 -19.34
CA ARG B 141 5.05 6.72 -18.93
C ARG B 141 4.17 7.95 -18.81
N ALA B 142 4.71 8.99 -18.20
CA ALA B 142 3.93 10.17 -17.89
C ALA B 142 3.38 10.86 -19.17
N ALA B 143 4.05 10.68 -20.34
CA ALA B 143 3.57 11.29 -21.62
C ALA B 143 2.30 10.66 -22.11
N ASN B 144 2.01 9.44 -21.64
CA ASN B 144 0.81 8.69 -22.02
C ASN B 144 -0.22 8.62 -20.93
N ILE B 145 -0.08 9.47 -19.92
CA ILE B 145 -1.04 9.55 -18.86
C ILE B 145 -1.74 10.89 -18.97
N LEU B 146 -3.04 10.88 -18.74
CA LEU B 146 -3.81 12.09 -18.85
C LEU B 146 -4.42 12.41 -17.50
N VAL B 147 -4.49 13.72 -17.23
CA VAL B 147 -4.92 14.27 -15.95
C VAL B 147 -6.23 15.02 -16.16
N GLY B 148 -7.11 14.89 -15.18
CA GLY B 148 -8.39 15.57 -15.20
C GLY B 148 -8.48 16.51 -14.01
N GLU B 149 -9.70 16.88 -13.67
CA GLU B 149 -9.93 17.71 -12.49
C GLU B 149 -9.65 16.86 -11.27
N ASN B 150 -9.43 17.48 -10.12
CA ASN B 150 -9.23 16.73 -8.86
C ASN B 150 -8.10 15.65 -8.94
N LEU B 151 -7.08 15.96 -9.74
CA LEU B 151 -5.89 15.14 -9.99
C LEU B 151 -6.18 13.70 -10.42
N VAL B 152 -7.35 13.49 -11.02
CA VAL B 152 -7.67 12.24 -11.66
C VAL B 152 -6.70 11.96 -12.78
N CYS B 153 -6.12 10.76 -12.77
CA CYS B 153 -5.14 10.34 -13.75
C CYS B 153 -5.63 9.08 -14.42
N LYS B 154 -5.54 9.03 -15.75
CA LYS B 154 -5.91 7.84 -16.48
C LYS B 154 -4.89 7.43 -17.51
N VAL B 155 -4.79 6.12 -17.68
CA VAL B 155 -3.98 5.50 -18.69
C VAL B 155 -4.63 5.73 -20.06
N ALA B 156 -3.82 6.14 -21.00
CA ALA B 156 -4.23 6.37 -22.37
C ALA B 156 -3.22 5.68 -23.28
N ASP B 157 -3.52 5.69 -24.58
CA ASP B 157 -2.56 5.35 -25.63
C ASP B 157 -1.89 4.00 -25.45
N PHE B 158 -2.69 2.93 -25.42
CA PHE B 158 -2.19 1.56 -25.55
C PHE B 158 -1.87 1.37 -27.01
N GLY B 159 -0.59 1.44 -27.38
CA GLY B 159 0.53 1.53 -26.44
C GLY B 159 1.80 0.90 -27.02
N LEU B 160 1.66 -0.12 -27.88
CA LEU B 160 0.37 -0.57 -28.43
C LEU B 160 -0.16 -1.86 -27.77
N ALA B 161 -1.43 -1.82 -27.34
CA ALA B 161 -2.13 -2.95 -26.65
C ALA B 161 -1.67 -4.37 -26.96
N ARG B 162 -1.28 -5.10 -25.91
CA ARG B 162 -0.73 -6.46 -25.96
C ARG B 162 0.64 -6.54 -26.64
N PRO B 178 11.51 4.64 -27.04
CA PRO B 178 11.66 5.32 -25.75
C PRO B 178 12.21 4.27 -24.81
N ILE B 179 13.50 3.94 -24.99
CA ILE B 179 14.10 2.85 -24.24
C ILE B 179 14.36 3.19 -22.79
N LYS B 180 14.43 4.48 -22.46
CA LYS B 180 14.63 4.90 -21.05
C LYS B 180 13.48 4.46 -20.16
N TRP B 181 12.31 4.17 -20.73
CA TRP B 181 11.15 3.70 -19.95
C TRP B 181 10.86 2.20 -20.13
N THR B 182 11.66 1.55 -20.98
CA THR B 182 11.40 0.20 -21.45
C THR B 182 12.32 -0.79 -20.74
N ALA B 183 11.73 -1.80 -20.11
CA ALA B 183 12.48 -2.95 -19.52
C ALA B 183 13.52 -3.52 -20.48
N PRO B 184 14.71 -3.86 -19.98
CA PRO B 184 15.78 -4.30 -20.88
C PRO B 184 15.45 -5.54 -21.73
N GLU B 185 14.65 -6.47 -21.23
CA GLU B 185 14.32 -7.65 -22.03
C GLU B 185 13.27 -7.35 -23.08
N ALA B 186 12.69 -6.14 -23.01
CA ALA B 186 11.69 -5.74 -24.00
C ALA B 186 12.40 -4.96 -25.07
N ALA B 187 13.32 -4.10 -24.62
CA ALA B 187 14.12 -3.26 -25.48
C ALA B 187 15.08 -4.12 -26.30
N LEU B 188 15.73 -5.08 -25.64
CA LEU B 188 16.70 -5.95 -26.27
C LEU B 188 16.07 -7.14 -27.06
N TYR B 189 15.12 -7.86 -26.47
CA TYR B 189 14.61 -9.14 -27.02
C TYR B 189 13.12 -9.17 -27.42
N GLY B 190 12.46 -8.00 -27.41
CA GLY B 190 11.04 -7.92 -27.69
C GLY B 190 10.13 -8.64 -26.70
N ARG B 191 10.65 -8.97 -25.52
CA ARG B 191 9.82 -9.61 -24.51
C ARG B 191 8.99 -8.58 -23.71
N PHE B 192 7.89 -8.13 -24.32
CA PHE B 192 6.90 -7.25 -23.67
C PHE B 192 5.83 -8.06 -22.90
N THR B 193 5.67 -7.78 -21.61
CA THR B 193 4.71 -8.44 -20.72
C THR B 193 4.17 -7.38 -19.75
N ILE B 194 3.18 -7.74 -18.92
CA ILE B 194 2.73 -6.89 -17.84
C ILE B 194 3.91 -6.61 -16.88
N LYS B 195 4.95 -7.46 -16.93
CA LYS B 195 6.16 -7.24 -16.11
C LYS B 195 7.12 -6.22 -16.69
N SER B 196 7.13 -6.06 -18.01
CA SER B 196 7.92 -4.98 -18.58
C SER B 196 7.15 -3.63 -18.38
N ASP B 197 5.85 -3.73 -18.10
CA ASP B 197 5.02 -2.56 -17.80
C ASP B 197 5.28 -2.10 -16.36
N VAL B 198 5.51 -3.06 -15.45
CA VAL B 198 5.91 -2.80 -14.05
C VAL B 198 7.21 -2.09 -14.07
N TRP B 199 8.16 -2.53 -14.88
CA TRP B 199 9.41 -1.78 -15.03
C TRP B 199 9.21 -0.27 -15.35
N SER B 200 8.36 0.00 -16.33
CA SER B 200 8.00 1.33 -16.86
C SER B 200 7.31 2.17 -15.80
N PHE B 201 6.41 1.53 -15.06
CA PHE B 201 5.74 2.14 -13.94
C PHE B 201 6.77 2.70 -12.97
N GLY B 202 7.82 1.91 -12.66
CA GLY B 202 8.89 2.34 -11.78
C GLY B 202 9.64 3.58 -12.25
N ILE B 203 9.82 3.67 -13.56
CA ILE B 203 10.43 4.85 -14.21
C ILE B 203 9.45 6.02 -14.12
N LEU B 204 8.16 5.73 -14.25
CA LEU B 204 7.11 6.71 -14.09
C LEU B 204 7.17 7.29 -12.67
N LEU B 205 7.44 6.42 -11.70
CA LEU B 205 7.61 6.85 -10.31
C LEU B 205 8.62 7.92 -10.18
N THR B 206 9.74 7.84 -10.89
CA THR B 206 10.78 8.86 -10.87
C THR B 206 10.39 10.17 -11.60
N GLU B 207 9.59 10.07 -12.66
CA GLU B 207 9.00 11.24 -13.29
C GLU B 207 8.11 11.99 -12.31
N LEU B 208 7.28 11.26 -11.56
CA LEU B 208 6.43 11.81 -10.53
C LEU B 208 7.20 12.56 -9.45
N THR B 209 8.23 11.91 -8.90
CA THR B 209 9.03 12.46 -7.79
C THR B 209 10.05 13.54 -8.22
N THR B 210 10.38 13.64 -9.52
CA THR B 210 11.26 14.73 -10.00
C THR B 210 10.50 15.83 -10.79
N LYS B 211 9.16 15.81 -10.68
CA LYS B 211 8.22 16.64 -11.47
C LYS B 211 8.53 16.66 -12.98
N GLY B 212 8.57 15.48 -13.56
CA GLY B 212 8.70 15.33 -14.99
C GLY B 212 10.07 15.47 -15.63
N ARG B 213 11.14 15.26 -14.87
CA ARG B 213 12.48 15.23 -15.49
C ARG B 213 12.71 13.96 -16.33
N VAL B 214 13.49 14.09 -17.40
CA VAL B 214 13.86 12.91 -18.21
C VAL B 214 14.60 11.93 -17.31
N PRO B 215 14.22 10.64 -17.36
CA PRO B 215 14.98 9.58 -16.65
C PRO B 215 16.44 9.54 -17.13
N TYR B 216 17.35 9.16 -16.23
CA TYR B 216 18.78 8.94 -16.55
C TYR B 216 19.43 10.20 -17.07
N PRO B 217 19.37 11.29 -16.27
CA PRO B 217 19.81 12.63 -16.70
C PRO B 217 21.26 12.65 -17.23
N GLY B 218 21.44 13.22 -18.43
CA GLY B 218 22.76 13.33 -19.08
C GLY B 218 23.36 12.04 -19.64
N MET B 219 22.54 10.97 -19.73
CA MET B 219 22.89 9.73 -20.39
C MET B 219 22.12 9.53 -21.70
N VAL B 220 22.86 9.26 -22.78
CA VAL B 220 22.28 8.93 -24.07
C VAL B 220 21.58 7.57 -24.03
N ASN B 221 20.72 7.28 -24.98
CA ASN B 221 20.04 5.99 -25.08
C ASN B 221 20.95 4.78 -24.88
N ARG B 222 22.13 4.80 -25.51
CA ARG B 222 23.14 3.74 -25.45
C ARG B 222 23.92 3.58 -24.12
N GLU B 223 24.11 4.67 -23.35
CA GLU B 223 24.70 4.57 -22.01
C GLU B 223 23.76 3.86 -21.05
N VAL B 224 22.46 4.19 -21.10
CA VAL B 224 21.45 3.58 -20.24
C VAL B 224 21.25 2.10 -20.60
N LEU B 225 21.48 1.71 -21.83
CA LEU B 225 21.31 0.34 -22.22
C LEU B 225 22.36 -0.58 -21.62
N ASP B 226 23.62 -0.19 -21.76
CA ASP B 226 24.78 -0.90 -21.19
C ASP B 226 24.87 -0.81 -19.67
N GLN B 227 24.63 0.40 -19.14
CA GLN B 227 24.63 0.63 -17.69
C GLN B 227 23.53 -0.13 -16.96
N VAL B 228 22.31 -0.14 -17.50
CA VAL B 228 21.22 -0.90 -16.92
C VAL B 228 21.46 -2.43 -16.92
N GLU B 229 21.91 -2.99 -18.05
CA GLU B 229 22.16 -4.46 -18.15
C GLU B 229 23.36 -4.88 -17.29
N ARG B 230 24.27 -3.94 -17.08
CA ARG B 230 25.31 -4.04 -16.05
C ARG B 230 24.84 -3.73 -14.62
N GLY B 231 23.54 -3.47 -14.43
CA GLY B 231 22.95 -3.41 -13.06
C GLY B 231 22.81 -2.03 -12.44
N TYR B 232 23.24 -1.00 -13.17
CA TYR B 232 22.93 0.36 -12.80
C TYR B 232 21.38 0.54 -12.77
N ARG B 233 20.95 1.35 -11.79
CA ARG B 233 19.56 1.75 -11.54
C ARG B 233 19.59 3.19 -11.04
N MET B 234 18.59 4.00 -11.43
CA MET B 234 18.53 5.39 -10.92
C MET B 234 18.64 5.44 -9.40
N PRO B 235 19.37 6.44 -8.88
CA PRO B 235 19.53 6.61 -7.43
C PRO B 235 18.33 7.31 -6.81
N CYS B 236 18.31 7.38 -5.48
CA CYS B 236 17.18 7.93 -4.75
C CYS B 236 17.09 9.45 -4.98
N PRO B 237 15.99 9.92 -5.61
CA PRO B 237 15.77 11.36 -5.84
C PRO B 237 15.82 12.20 -4.55
N PRO B 238 16.19 13.49 -4.66
CA PRO B 238 16.10 14.40 -3.48
C PRO B 238 14.72 14.38 -2.79
N GLU B 239 14.68 14.15 -1.47
CA GLU B 239 13.45 14.14 -0.67
C GLU B 239 12.55 12.93 -0.89
N CYS B 240 12.92 12.04 -1.79
CA CYS B 240 12.12 10.84 -2.00
C CYS B 240 12.42 9.88 -0.84
N PRO B 241 11.38 9.45 -0.10
CA PRO B 241 11.60 8.44 0.93
C PRO B 241 12.29 7.16 0.38
N GLU B 242 13.18 6.58 1.18
CA GLU B 242 13.90 5.37 0.80
C GLU B 242 12.93 4.26 0.41
N SER B 243 11.84 4.15 1.19
CA SER B 243 10.78 3.18 0.97
C SER B 243 10.07 3.32 -0.36
N LEU B 244 9.96 4.53 -0.90
CA LEU B 244 9.41 4.70 -2.26
C LEU B 244 10.44 4.30 -3.33
N HIS B 245 11.68 4.71 -3.18
CA HIS B 245 12.74 4.29 -4.07
C HIS B 245 12.96 2.77 -4.05
N ASP B 246 12.83 2.16 -2.87
CA ASP B 246 12.90 0.72 -2.76
CA ASP B 246 12.94 0.72 -2.78
C ASP B 246 11.89 0.07 -3.70
N LEU B 247 10.70 0.70 -3.78
CA LEU B 247 9.62 0.19 -4.62
C LEU B 247 9.95 0.29 -6.13
N MET B 248 10.67 1.33 -6.50
CA MET B 248 11.17 1.53 -7.85
C MET B 248 12.12 0.38 -8.17
N CYS B 249 13.06 0.16 -7.22
CA CYS B 249 14.03 -0.96 -7.25
C CYS B 249 13.46 -2.35 -7.45
N GLN B 250 12.35 -2.67 -6.76
CA GLN B 250 11.53 -3.84 -7.00
C GLN B 250 10.98 -3.92 -8.44
N CYS B 251 10.42 -2.81 -8.93
CA CYS B 251 9.93 -2.70 -10.30
C CYS B 251 11.08 -2.86 -11.29
N TRP B 252 12.31 -2.54 -10.89
CA TRP B 252 13.45 -2.68 -11.79
C TRP B 252 14.31 -3.96 -11.58
N ARG B 253 13.75 -5.01 -11.01
CA ARG B 253 14.52 -6.24 -10.87
C ARG B 253 14.84 -6.82 -12.26
N LYS B 254 16.05 -7.39 -12.41
CA LYS B 254 16.46 -8.06 -13.67
C LYS B 254 15.46 -9.11 -14.10
N ASP B 255 14.95 -9.88 -13.14
CA ASP B 255 14.00 -10.96 -13.37
C ASP B 255 12.54 -10.49 -13.42
N PRO B 256 11.92 -10.50 -14.61
CA PRO B 256 10.55 -10.04 -14.73
C PRO B 256 9.60 -10.67 -13.72
N GLU B 257 9.68 -11.99 -13.53
CA GLU B 257 8.77 -12.74 -12.63
C GLU B 257 8.88 -12.29 -11.19
N GLU B 258 9.99 -11.62 -10.85
CA GLU B 258 10.27 -11.10 -9.49
C GLU B 258 9.71 -9.70 -9.15
N ARG B 259 9.47 -8.89 -10.18
CA ARG B 259 8.72 -7.64 -10.06
C ARG B 259 7.31 -7.82 -9.49
N PRO B 260 6.83 -6.82 -8.70
CA PRO B 260 5.47 -6.96 -8.14
C PRO B 260 4.32 -6.88 -9.15
N THR B 261 3.14 -7.32 -8.75
CA THR B 261 2.00 -7.08 -9.55
C THR B 261 1.56 -5.57 -9.42
N PHE B 262 0.59 -5.19 -10.25
CA PHE B 262 0.05 -3.88 -10.21
C PHE B 262 -1.04 -3.84 -9.13
N GLU B 263 -1.56 -5.02 -8.78
CA GLU B 263 -2.45 -5.24 -7.64
C GLU B 263 -1.74 -4.90 -6.34
N TYR B 264 -0.49 -5.34 -6.25
CA TYR B 264 0.45 -5.02 -5.15
C TYR B 264 0.91 -3.50 -5.10
N LEU B 265 1.23 -2.94 -6.25
CA LEU B 265 1.65 -1.53 -6.32
C LEU B 265 0.52 -0.60 -5.92
N GLN B 266 -0.67 -0.89 -6.40
CA GLN B 266 -1.90 -0.17 -6.07
C GLN B 266 -2.16 -0.19 -4.58
N ALA B 267 -2.18 -1.39 -4.00
CA ALA B 267 -2.41 -1.59 -2.57
C ALA B 267 -1.37 -0.87 -1.72
N PHE B 268 -0.11 -0.99 -2.08
CA PHE B 268 1.01 -0.32 -1.40
C PHE B 268 0.89 1.25 -1.43
N LEU B 269 0.45 1.79 -2.58
CA LEU B 269 0.41 3.24 -2.80
C LEU B 269 -0.89 3.79 -2.20
N GLU B 270 -2.01 3.10 -2.35
CA GLU B 270 -3.20 3.53 -1.63
C GLU B 270 -3.01 3.67 -0.12
N ASP B 271 -2.25 2.75 0.45
CA ASP B 271 -2.07 2.67 1.91
C ASP B 271 -0.80 3.39 2.38
N TYR B 272 -0.03 3.96 1.46
CA TYR B 272 1.33 4.45 1.74
C TYR B 272 1.57 5.23 3.03
N PHE B 273 0.68 6.17 3.28
CA PHE B 273 0.84 7.13 4.35
C PHE B 273 0.37 6.65 5.74
N THR B 274 -0.28 5.49 5.79
CA THR B 274 -0.59 4.83 7.09
C THR B 274 0.41 3.68 7.36
N SER B 275 0.47 2.72 6.45
CA SER B 275 1.29 1.52 6.56
C SER B 275 2.81 1.67 6.45
N THR B 276 3.25 2.65 5.67
CA THR B 276 4.63 2.70 5.16
C THR B 276 5.36 3.97 5.58
N GLU B 277 4.74 5.17 5.37
CA GLU B 277 5.35 6.45 5.81
C GLU B 277 4.44 7.28 6.72
N PRO B 278 4.05 6.72 7.90
CA PRO B 278 3.14 7.36 8.85
C PRO B 278 3.66 8.69 9.46
N GLN B 279 4.99 8.89 9.42
CA GLN B 279 5.61 10.11 9.95
C GLN B 279 6.18 11.04 8.85
N TYR B 280 5.64 10.89 7.62
CA TYR B 280 5.93 11.77 6.51
C TYR B 280 5.65 13.20 6.95
N GLN B 281 6.63 14.07 6.71
CA GLN B 281 6.51 15.53 6.87
C GLN B 281 6.89 16.25 5.57
N PRO B 282 6.08 17.25 5.15
CA PRO B 282 6.31 17.99 3.89
C PRO B 282 7.68 18.67 3.85
N GLY B 283 8.24 18.83 2.66
CA GLY B 283 9.57 19.43 2.52
C GLY B 283 9.54 20.51 1.48
N GLU B 284 10.71 20.95 1.02
CA GLU B 284 10.73 22.02 -0.02
C GLU B 284 9.96 21.65 -1.30
N ASN B 285 10.20 20.43 -1.81
CA ASN B 285 9.62 19.95 -3.10
C ASN B 285 8.69 18.75 -3.02
N LEU B 286 8.89 17.89 -2.05
CA LEU B 286 8.06 16.70 -1.85
C LEU B 286 7.55 16.64 -0.42
C4 SR2 C . 9.94 -3.25 20.91
C4 SR2 C . 11.81 -3.28 20.34
C3 SR2 C . 10.02 -2.78 22.24
C3 SR2 C . 11.67 -2.89 21.65
BRR1 SR2 C . 8.50 -2.53 23.39
BRR1 SR2 C . 13.26 -2.52 22.46
C22 SR2 C . 11.31 -2.52 22.72
C22 SR2 C . 10.47 -2.76 22.31
C21 SR2 C . 12.46 -2.69 21.97
C21 SR2 C . 9.34 -3.08 21.62
C20 SR2 C . 12.29 -3.15 20.65
C20 SR2 C . 9.50 -3.49 20.29
C5 SR2 C . 11.06 -3.44 20.09
C5 SR2 C . 10.71 -3.59 19.65
N1 SR2 C . 10.94 -3.87 18.79
N1 SR2 C . 10.86 -3.96 18.39
C6 SR2 C . 11.51 -4.97 18.24
C6 SR2 C . 11.49 -5.06 18.03
C7 SR2 C . 11.62 -5.25 16.84
C7 SR2 C . 11.64 -5.34 16.68
C8 SR2 C . 11.18 -4.43 15.81
C8 SR2 C . 11.18 -4.51 15.67
N3 SR2 C . 11.97 -5.90 19.08
N3 SR2 C . 11.96 -5.92 18.95
C19 SR2 C . 12.52 -7.01 18.67
C19 SR2 C . 12.55 -7.03 18.57
N2 SR2 C . 12.65 -7.30 17.40
N2 SR2 C . 12.71 -7.33 17.30
C18 SR2 C . 12.22 -6.45 16.47
C18 SR2 C . 12.28 -6.51 16.34
C17 SR2 C . 12.38 -6.80 15.16
C17 SR2 C . 12.45 -6.83 15.02
C13 SR2 C . 11.93 -5.98 14.16
C13 SR2 C . 11.98 -6.00 14.03
C9 SR2 C . 11.36 -4.77 14.46
C9 SR2 C . 11.37 -4.81 14.34
N11 SR2 C . 10.90 -4.05 13.43
N11 SR2 C . 10.88 -4.08 13.34
C10 SR2 C . 9.86 -3.29 13.72
C10 SR2 C . 9.87 -3.30 13.67
O61 SR2 C . 9.61 -3.04 14.87
O61 SR2 C . 9.64 -3.04 14.83
C11 SR2 C . 9.08 -2.50 12.67
C11 SR2 C . 9.06 -2.50 12.64
C51 SR2 C . 8.48 -3.09 11.38
C51 SR2 C . 8.46 -3.09 11.36
C61 SR2 C . 8.29 -1.81 10.58
C61 SR2 C . 8.28 -1.80 10.56
N63 SR2 C . 6.89 -1.42 10.45
N63 SR2 C . 6.87 -1.42 10.45
C65 SR2 C . 6.10 -1.40 11.66
C65 SR2 C . 6.10 -1.40 11.66
C67 SR2 C . 6.70 -0.15 9.78
C67 SR2 C . 6.69 -0.15 9.78
C8 SR2 D . -18.06 -10.16 0.99
C13 SR2 D . -16.76 -12.03 0.21
C9 SR2 D . -17.60 -11.46 1.16
N11 SR2 D . -18.05 -12.15 2.22
C10 SR2 D . -17.77 -13.42 2.52
O61 SR2 D . -17.04 -14.15 1.84
C11 SR2 D . -18.46 -14.00 3.76
C51 SR2 D . -19.02 -13.02 4.84
C61 SR2 D . -20.31 -12.33 4.32
N63 SR2 D . -21.56 -13.16 4.41
C65 SR2 D . -21.41 -14.61 4.62
C67 SR2 D . -22.49 -12.63 5.42
C4 SR2 E . -7.31 11.55 -27.26
C3 SR2 E . -7.93 10.45 -27.89
BRR1 SR2 E . -9.58 10.70 -28.85
C22 SR2 E . -7.33 9.19 -27.78
C21 SR2 E . -6.13 9.05 -27.07
C20 SR2 E . -5.53 10.15 -26.45
C5 SR2 E . -6.12 11.42 -26.54
N1 SR2 E . -5.52 12.48 -25.95
C6 SR2 E . -6.14 13.42 -25.20
C7 SR2 E . -5.47 14.58 -24.76
C8 SR2 E . -4.11 14.84 -25.04
N3 SR2 E . -7.44 13.25 -24.85
C19 SR2 E . -8.10 14.16 -24.11
N2 SR2 E . -7.51 15.27 -23.68
C18 SR2 E . -6.20 15.50 -23.98
C17 SR2 E . -5.58 16.65 -23.51
C13 SR2 E . -4.25 16.90 -23.81
C9 SR2 E . -3.47 16.01 -24.57
N11 SR2 E . -2.17 16.36 -24.77
C10 SR2 E . -1.11 15.64 -24.29
O61 SR2 E . -1.20 14.56 -23.71
C11 SR2 E . 0.32 16.23 -24.54
C51 SR2 E . 1.55 15.64 -23.72
C61 SR2 E . 2.06 14.27 -24.29
N63 SR2 E . 3.53 14.27 -24.45
C65 SR2 E . 3.93 14.62 -25.83
C67 SR2 E . 4.22 15.14 -23.49
#